data_8CQF
#
_entry.id   8CQF
#
_cell.length_a   68.597
_cell.length_b   81.071
_cell.length_c   129.534
_cell.angle_alpha   90.00
_cell.angle_beta   90.00
_cell.angle_gamma   90.00
#
_symmetry.space_group_name_H-M   'P 21 21 21'
#
loop_
_entity.id
_entity.type
_entity.pdbx_description
1 polymer Alpha-amylase
2 branched 4,6-dideoxy-4-{[(1S,4R,5S,6S)-4,5,6-trihydroxy-3-(hydroxymethyl)cyclohex-2-en-1-yl]amino}-alpha-D-glucopyranose-(1-4)-alpha-D-glucopyranose-(1-4)-alpha-D-glucopyranose
3 branched 4,6-dideoxy-4-{[(1S,4R,5S,6S)-4,5,6-trihydroxy-3-(hydroxymethyl)cyclohex-2-en-1-yl]amino}-alpha-D-glucopyranose-(1-4)-1,5-anhydro-D-glucitol
4 branched alpha-D-glucopyranose-(1-4)-alpha-D-glucopyranose-(1-4)-4,6-dideoxy-4-{[(1S,4R,5S,6S)-4,5,6-trihydroxy-3-(hydroxymethyl)cyclohex-2-en-1-yl]amino}-alpha-D-glucopyranose-(1-4)-alpha-D-glucopyranose
5 non-polymer 'CHLORIDE ION'
6 non-polymer 'CALCIUM ION'
7 non-polymer 1,2-ETHANEDIOL
8 water water
#
_entity_poly.entity_id   1
_entity_poly.type   'polypeptide(L)'
_entity_poly.pdbx_seq_one_letter_code
;HPTTFVHLFEWNWQDVAQECEQYLGPKGYAAVQVSPPNEHITGSQWWTRYQPVSYELQSRGGNRAQFIDMVNRCSAVGVD
IYVDTLINHMAAGSGTGTAGNSFGNKSFPIYSPQDFHESCTINNSDYGNDRYRVQNCELVGLADLDTASNYVQNTIAAYI
NDLQAIGVKGFRFDASKHVAASDIQSLMAKVNGSPVVFQEVIDLGGEAIKSSEYLSTGLVTEFKYGAKLGTVFRNGSLAW
LSNFGEGWGFMPSSSAVVFVDNHDNQRGHGAGGSSILTFEDGRLYDLANVFMLAYPYGYPRVMSSYDFHGNDWAGGPNVP
VHNNGNLECFASNWKCEHRWSYIAGGVDFRNNTADNWAVTNWWDNTNNQISFGRGSSGHMAINKEDSTLTATVQTDMASG
QYCNVLKGELSADAKSCSGEVITVNSDGTINLNIGAWDAMAIHKNAKLGA
;
_entity_poly.pdbx_strand_id   A
#
loop_
_chem_comp.id
_chem_comp.type
_chem_comp.name
_chem_comp.formula
AC1 D-saccharide 4,6-dideoxy-4-{[(1S,4R,5S,6S)-4,5,6-trihydroxy-3-(hydroxymethyl)cyclohex-2-en-1-yl]amino}-alpha-D-glucopyranose 'C13 H23 N O8'
ASO D-saccharide 1,5-anhydro-D-glucitol 'C6 H12 O5'
CA non-polymer 'CALCIUM ION' 'Ca 2'
CL non-polymer 'CHLORIDE ION' 'Cl -1'
EDO non-polymer 1,2-ETHANEDIOL 'C2 H6 O2'
GLC D-saccharide, alpha linking alpha-D-glucopyranose 'C6 H12 O6'
#
# COMPACT_ATOMS: atom_id res chain seq x y z
N HIS A 1 6.52 13.35 10.05
CA HIS A 1 6.21 12.20 10.97
C HIS A 1 5.34 11.08 10.31
N PRO A 2 4.13 11.35 9.83
CA PRO A 2 3.38 10.28 9.12
C PRO A 2 4.01 9.99 7.76
N THR A 3 4.23 8.69 7.48
CA THR A 3 4.99 8.32 6.30
C THR A 3 4.50 7.08 5.56
N THR A 4 3.57 6.31 6.10
CA THR A 4 3.26 4.99 5.60
C THR A 4 1.75 4.81 5.65
N PHE A 5 1.16 4.23 4.60
CA PHE A 5 -0.26 3.88 4.66
C PHE A 5 -0.42 2.36 4.53
N VAL A 6 -1.66 1.90 4.66
CA VAL A 6 -1.97 0.47 4.77
C VAL A 6 -3.26 0.20 4.01
N HIS A 7 -3.27 -0.90 3.26
CA HIS A 7 -4.45 -1.37 2.56
C HIS A 7 -5.19 -2.34 3.47
N LEU A 8 -6.32 -1.90 4.02
CA LEU A 8 -7.13 -2.81 4.84
C LEU A 8 -8.09 -3.52 3.90
N PHE A 9 -7.55 -4.51 3.18
CA PHE A 9 -8.24 -5.14 2.04
C PHE A 9 -9.48 -5.90 2.50
N GLU A 10 -10.65 -5.46 2.03
CA GLU A 10 -11.95 -6.02 2.35
C GLU A 10 -12.36 -5.82 3.81
N TRP A 11 -11.69 -4.95 4.55
CA TRP A 11 -12.21 -4.60 5.87
C TRP A 11 -13.46 -3.71 5.74
N ASN A 12 -14.48 -4.01 6.54
CA ASN A 12 -15.67 -3.17 6.50
C ASN A 12 -15.49 -1.91 7.35
N TRP A 13 -16.45 -0.99 7.22
CA TRP A 13 -16.21 0.36 7.72
C TRP A 13 -16.11 0.38 9.23
N GLN A 14 -16.85 -0.50 9.91
CA GLN A 14 -16.76 -0.55 11.36
C GLN A 14 -15.43 -1.13 11.83
N ASP A 15 -14.92 -2.15 11.13
CA ASP A 15 -13.62 -2.68 11.51
C ASP A 15 -12.51 -1.66 11.27
N VAL A 16 -12.57 -0.92 10.15
CA VAL A 16 -11.56 0.11 9.92
C VAL A 16 -11.61 1.15 11.04
N ALA A 17 -12.81 1.63 11.38
CA ALA A 17 -12.93 2.68 12.38
C ALA A 17 -12.32 2.23 13.69
N GLN A 18 -12.70 1.04 14.16
CA GLN A 18 -12.13 0.54 15.40
C GLN A 18 -10.63 0.35 15.27
N GLU A 19 -10.16 -0.12 14.10
CA GLU A 19 -8.73 -0.34 13.93
C GLU A 19 -7.94 0.98 14.01
N CYS A 20 -8.47 2.07 13.43
CA CYS A 20 -7.83 3.38 13.58
C CYS A 20 -7.66 3.76 15.06
N GLU A 21 -8.71 3.56 15.86
CA GLU A 21 -8.68 3.97 17.26
C GLU A 21 -7.74 3.11 18.08
N GLN A 22 -7.78 1.79 17.88
CA GLN A 22 -7.06 0.86 18.74
C GLN A 22 -5.63 0.60 18.27
N TYR A 23 -5.31 0.83 17.01
CA TYR A 23 -3.96 0.49 16.59
C TYR A 23 -3.32 1.47 15.60
N LEU A 24 -3.98 1.84 14.52
CA LEU A 24 -3.30 2.62 13.48
C LEU A 24 -2.94 4.03 13.94
N GLY A 25 -3.82 4.69 14.67
CA GLY A 25 -3.52 6.00 15.20
C GLY A 25 -2.37 5.96 16.19
N PRO A 26 -2.51 5.12 17.21
CA PRO A 26 -1.41 4.97 18.18
C PRO A 26 -0.08 4.54 17.56
N LYS A 27 -0.08 3.75 16.49
CA LYS A 27 1.19 3.26 15.96
C LYS A 27 1.71 4.15 14.83
N GLY A 28 0.97 5.22 14.47
CA GLY A 28 1.49 6.21 13.55
C GLY A 28 1.25 5.97 12.07
N TYR A 29 0.30 5.12 11.68
CA TYR A 29 0.03 4.94 10.26
C TYR A 29 -0.62 6.20 9.72
N ALA A 30 -0.27 6.60 8.50
CA ALA A 30 -0.76 7.87 7.97
C ALA A 30 -2.17 7.78 7.44
N ALA A 31 -2.56 6.63 6.91
CA ALA A 31 -3.79 6.55 6.15
C ALA A 31 -4.12 5.09 5.88
N VAL A 32 -5.39 4.86 5.59
CA VAL A 32 -5.92 3.57 5.18
C VAL A 32 -6.45 3.67 3.77
N GLN A 33 -6.00 2.78 2.91
CA GLN A 33 -6.65 2.58 1.61
C GLN A 33 -7.79 1.60 1.84
N VAL A 34 -9.02 2.03 1.57
CA VAL A 34 -10.17 1.17 1.77
C VAL A 34 -10.61 0.59 0.43
N SER A 35 -11.31 -0.56 0.50
CA SER A 35 -11.88 -1.15 -0.69
C SER A 35 -12.99 -0.26 -1.26
N PRO A 36 -13.29 -0.39 -2.55
CA PRO A 36 -14.25 0.53 -3.20
C PRO A 36 -15.52 0.72 -2.40
N PRO A 37 -15.89 1.96 -2.07
CA PRO A 37 -17.10 2.20 -1.26
C PRO A 37 -18.35 2.50 -2.04
N ASN A 38 -18.25 2.55 -3.35
CA ASN A 38 -19.39 2.86 -4.20
C ASN A 38 -20.18 1.60 -4.48
N GLU A 39 -21.36 1.77 -5.05
CA GLU A 39 -22.22 0.61 -5.31
C GLU A 39 -21.60 -0.28 -6.38
N HIS A 40 -21.58 -1.57 -6.13
CA HIS A 40 -20.91 -2.52 -7.03
C HIS A 40 -21.81 -3.74 -7.17
N ILE A 41 -21.43 -4.70 -8.03
CA ILE A 41 -22.32 -5.85 -8.23
C ILE A 41 -22.39 -6.69 -6.96
N THR A 42 -23.52 -7.39 -6.81
CA THR A 42 -23.73 -8.34 -5.71
C THR A 42 -22.84 -9.58 -5.88
N GLY A 43 -22.66 -10.31 -4.80
CA GLY A 43 -21.77 -11.45 -4.83
C GLY A 43 -20.70 -11.34 -3.75
N SER A 44 -20.13 -12.46 -3.32
CA SER A 44 -19.22 -12.42 -2.18
C SER A 44 -17.75 -12.39 -2.57
N GLN A 45 -17.41 -12.61 -3.84
CA GLN A 45 -16.01 -12.62 -4.26
C GLN A 45 -15.40 -11.22 -4.08
N TRP A 46 -14.11 -11.18 -3.76
CA TRP A 46 -13.52 -9.86 -3.55
C TRP A 46 -13.61 -9.01 -4.80
N TRP A 47 -13.53 -9.62 -5.97
CA TRP A 47 -13.46 -8.81 -7.16
C TRP A 47 -14.78 -8.20 -7.56
N THR A 48 -15.88 -8.45 -6.83
CA THR A 48 -17.13 -7.73 -7.13
C THR A 48 -16.96 -6.23 -6.93
N ARG A 49 -16.01 -5.84 -6.07
CA ARG A 49 -15.81 -4.44 -5.74
C ARG A 49 -15.30 -3.64 -6.93
N TYR A 50 -14.76 -4.31 -7.94
CA TYR A 50 -14.20 -3.65 -9.11
C TYR A 50 -15.17 -3.67 -10.30
N GLN A 51 -16.45 -3.85 -10.02
CA GLN A 51 -17.52 -3.82 -11.04
C GLN A 51 -18.55 -2.82 -10.56
N PRO A 52 -18.34 -1.53 -10.85
CA PRO A 52 -19.28 -0.52 -10.36
C PRO A 52 -20.63 -0.60 -11.01
N VAL A 53 -21.63 -0.20 -10.23
CA VAL A 53 -22.99 -0.03 -10.71
C VAL A 53 -23.45 1.42 -10.59
N SER A 54 -23.06 2.11 -9.53
CA SER A 54 -23.31 3.54 -9.41
C SER A 54 -22.27 4.15 -8.46
N TYR A 55 -22.44 5.42 -8.12
CA TYR A 55 -21.55 6.08 -7.19
C TYR A 55 -22.23 6.37 -5.86
N GLU A 56 -23.38 5.74 -5.61
CA GLU A 56 -23.94 5.77 -4.25
C GLU A 56 -23.01 5.01 -3.31
N LEU A 57 -22.90 5.47 -2.06
CA LEU A 57 -21.93 4.91 -1.13
C LEU A 57 -22.57 3.80 -0.29
N GLN A 58 -23.04 2.78 -0.99
CA GLN A 58 -23.63 1.58 -0.40
C GLN A 58 -22.90 0.38 -0.97
N SER A 59 -22.05 -0.27 -0.16
CA SER A 59 -21.15 -1.30 -0.69
C SER A 59 -21.06 -2.42 0.32
N ARG A 60 -20.26 -3.44 0.01
CA ARG A 60 -20.06 -4.51 0.97
C ARG A 60 -19.49 -3.97 2.28
N GLY A 61 -18.70 -2.91 2.23
CA GLY A 61 -18.16 -2.38 3.47
C GLY A 61 -19.17 -1.70 4.37
N GLY A 62 -20.29 -1.22 3.81
CA GLY A 62 -21.33 -0.61 4.61
C GLY A 62 -22.02 0.48 3.83
N ASN A 63 -22.93 1.18 4.53
CA ASN A 63 -23.72 2.22 3.88
C ASN A 63 -23.05 3.60 4.07
N ARG A 64 -23.72 4.65 3.62
CA ARG A 64 -23.09 5.96 3.57
C ARG A 64 -22.83 6.48 4.97
N ALA A 65 -23.79 6.31 5.87
CA ALA A 65 -23.58 6.77 7.23
C ALA A 65 -22.42 6.03 7.87
N GLN A 66 -22.29 4.74 7.61
CA GLN A 66 -21.17 4.00 8.19
C GLN A 66 -19.84 4.43 7.57
N PHE A 67 -19.85 4.74 6.27
CA PHE A 67 -18.65 5.26 5.65
C PHE A 67 -18.21 6.56 6.31
N ILE A 68 -19.15 7.49 6.52
CA ILE A 68 -18.83 8.78 7.13
C ILE A 68 -18.31 8.57 8.54
N ASP A 69 -18.95 7.68 9.29
CA ASP A 69 -18.52 7.40 10.65
C ASP A 69 -17.07 6.94 10.67
N MET A 70 -16.68 6.13 9.68
CA MET A 70 -15.31 5.65 9.62
C MET A 70 -14.36 6.78 9.30
N VAL A 71 -14.69 7.59 8.30
CA VAL A 71 -13.83 8.71 7.96
C VAL A 71 -13.59 9.57 9.20
N ASN A 72 -14.66 9.89 9.91
CA ASN A 72 -14.57 10.75 11.08
C ASN A 72 -13.78 10.10 12.20
N ARG A 73 -14.09 8.84 12.52
CA ARG A 73 -13.39 8.23 13.65
C ARG A 73 -11.91 8.05 13.36
N CYS A 74 -11.56 7.76 12.12
CA CYS A 74 -10.15 7.66 11.77
C CYS A 74 -9.47 9.03 11.81
N SER A 75 -10.13 10.05 11.24
CA SER A 75 -9.54 11.39 11.26
C SER A 75 -9.32 11.88 12.69
N ALA A 76 -10.25 11.57 13.60
CA ALA A 76 -10.12 12.02 14.99
C ALA A 76 -8.80 11.56 15.60
N VAL A 77 -8.24 10.44 15.16
CA VAL A 77 -6.99 9.95 15.70
C VAL A 77 -5.84 10.12 14.71
N GLY A 78 -6.04 10.95 13.68
CA GLY A 78 -4.97 11.33 12.79
C GLY A 78 -4.72 10.40 11.62
N VAL A 79 -5.69 9.59 11.24
CA VAL A 79 -5.56 8.65 10.13
C VAL A 79 -6.52 9.07 9.03
N ASP A 80 -5.98 9.27 7.84
CA ASP A 80 -6.74 9.62 6.67
C ASP A 80 -7.28 8.35 5.99
N ILE A 81 -8.24 8.58 5.10
CA ILE A 81 -8.85 7.58 4.27
C ILE A 81 -8.53 7.89 2.81
N TYR A 82 -8.03 6.89 2.10
CA TYR A 82 -7.83 6.93 0.66
C TYR A 82 -8.82 5.97 0.03
N VAL A 83 -9.53 6.41 -0.98
CA VAL A 83 -10.56 5.59 -1.59
C VAL A 83 -10.06 4.97 -2.89
N ASP A 84 -10.24 3.64 -3.03
CA ASP A 84 -10.00 2.92 -4.26
C ASP A 84 -11.06 3.36 -5.25
N THR A 85 -10.67 4.10 -6.27
CA THR A 85 -11.56 4.81 -7.19
C THR A 85 -11.55 4.17 -8.56
N LEU A 86 -12.72 3.77 -9.03
CA LEU A 86 -12.88 3.09 -10.32
C LEU A 86 -13.10 4.15 -11.40
N ILE A 87 -12.03 4.57 -12.07
CA ILE A 87 -12.17 5.62 -13.08
C ILE A 87 -12.30 5.10 -14.50
N ASN A 88 -12.06 3.81 -14.73
CA ASN A 88 -11.95 3.28 -16.07
C ASN A 88 -13.23 2.61 -16.58
N HIS A 89 -14.11 2.13 -15.70
CA HIS A 89 -15.12 1.20 -16.19
C HIS A 89 -16.28 1.01 -15.23
N MET A 90 -17.31 0.30 -15.74
CA MET A 90 -18.45 -0.14 -14.95
C MET A 90 -18.58 -1.65 -15.11
N ALA A 91 -19.48 -2.23 -14.32
CA ALA A 91 -19.69 -3.67 -14.31
C ALA A 91 -19.92 -4.21 -15.72
N ALA A 92 -19.54 -5.48 -15.89
CA ALA A 92 -19.81 -6.26 -17.08
C ALA A 92 -21.18 -6.93 -16.99
N GLY A 93 -21.85 -7.04 -18.14
CA GLY A 93 -23.12 -7.72 -18.18
C GLY A 93 -24.29 -6.95 -17.61
N SER A 94 -25.13 -7.67 -16.88
CA SER A 94 -26.36 -7.13 -16.35
C SER A 94 -26.57 -7.75 -14.99
N GLY A 95 -27.25 -7.03 -14.12
CA GLY A 95 -27.50 -7.60 -12.81
C GLY A 95 -28.01 -6.57 -11.86
N THR A 96 -27.57 -6.68 -10.61
CA THR A 96 -28.02 -5.83 -9.52
C THR A 96 -26.82 -5.41 -8.69
N GLY A 97 -26.90 -4.20 -8.17
CA GLY A 97 -25.87 -3.66 -7.32
C GLY A 97 -26.24 -3.68 -5.86
N THR A 98 -25.25 -3.31 -5.05
CA THR A 98 -25.39 -3.39 -3.60
C THR A 98 -26.30 -2.32 -3.03
N ALA A 99 -26.77 -1.38 -3.84
CA ALA A 99 -27.76 -0.41 -3.37
C ALA A 99 -29.13 -0.65 -3.97
N GLY A 100 -29.34 -1.81 -4.61
CA GLY A 100 -30.61 -2.16 -5.19
C GLY A 100 -30.83 -1.71 -6.63
N ASN A 101 -29.87 -1.05 -7.24
CA ASN A 101 -30.10 -0.62 -8.61
C ASN A 101 -29.84 -1.76 -9.56
N SER A 102 -30.58 -1.75 -10.66
CA SER A 102 -30.41 -2.69 -11.75
C SER A 102 -29.52 -2.08 -12.82
N PHE A 103 -28.93 -2.95 -13.62
CA PHE A 103 -28.14 -2.47 -14.75
C PHE A 103 -28.11 -3.58 -15.79
N GLY A 104 -27.85 -3.18 -17.02
CA GLY A 104 -27.65 -4.16 -18.06
C GLY A 104 -27.35 -3.49 -19.36
N ASN A 105 -26.64 -4.19 -20.23
CA ASN A 105 -26.41 -3.72 -21.59
C ASN A 105 -25.85 -2.30 -21.59
N LYS A 106 -24.85 -2.05 -20.76
CA LYS A 106 -24.24 -0.72 -20.71
C LYS A 106 -25.25 0.34 -20.38
N SER A 107 -26.25 -0.01 -19.57
CA SER A 107 -27.18 0.94 -19.02
C SER A 107 -27.14 0.85 -17.50
N PHE A 108 -26.91 1.98 -16.86
CA PHE A 108 -26.75 2.12 -15.43
C PHE A 108 -27.55 3.30 -14.93
N PRO A 109 -27.69 3.45 -13.63
CA PRO A 109 -28.42 4.61 -13.11
C PRO A 109 -27.94 5.96 -13.63
N ILE A 110 -26.66 6.08 -14.00
CA ILE A 110 -26.06 7.36 -14.37
C ILE A 110 -25.36 7.29 -15.71
N TYR A 111 -25.38 6.15 -16.39
CA TYR A 111 -24.74 6.05 -17.69
C TYR A 111 -25.65 5.29 -18.65
N SER A 112 -25.47 5.58 -19.93
CA SER A 112 -26.13 4.89 -21.03
C SER A 112 -25.09 4.51 -22.08
N PRO A 113 -25.48 3.73 -23.09
CA PRO A 113 -24.46 3.17 -23.99
C PRO A 113 -23.58 4.19 -24.65
N GLN A 114 -24.08 5.40 -24.87
CA GLN A 114 -23.28 6.42 -25.53
C GLN A 114 -22.12 6.88 -24.65
N ASP A 115 -22.18 6.61 -23.36
CA ASP A 115 -21.13 7.05 -22.45
C ASP A 115 -19.94 6.12 -22.43
N PHE A 116 -19.94 5.11 -23.28
CA PHE A 116 -18.89 4.10 -23.30
C PHE A 116 -18.19 4.06 -24.66
N HIS A 117 -16.95 3.63 -24.62
CA HIS A 117 -16.28 3.24 -25.85
C HIS A 117 -16.99 2.05 -26.47
N GLU A 118 -16.91 1.98 -27.79
CA GLU A 118 -17.42 0.84 -28.54
C GLU A 118 -16.78 -0.45 -28.06
N SER A 119 -17.60 -1.49 -27.93
CA SER A 119 -17.09 -2.72 -27.35
C SER A 119 -16.02 -3.36 -28.21
N CYS A 120 -14.95 -3.75 -27.55
CA CYS A 120 -13.87 -4.55 -28.09
C CYS A 120 -13.13 -5.10 -26.89
N THR A 121 -12.22 -6.00 -27.14
CA THR A 121 -11.60 -6.80 -26.11
C THR A 121 -10.11 -6.53 -26.05
N ILE A 122 -9.61 -6.18 -24.87
CA ILE A 122 -8.17 -6.07 -24.69
C ILE A 122 -7.61 -7.47 -24.73
N ASN A 123 -6.72 -7.73 -25.69
CA ASN A 123 -6.06 -9.01 -25.84
C ASN A 123 -4.63 -8.91 -25.33
N ASN A 124 -4.07 -10.07 -24.96
CA ASN A 124 -2.74 -10.08 -24.34
C ASN A 124 -1.72 -9.32 -25.17
N SER A 125 -1.77 -9.47 -26.49
CA SER A 125 -0.77 -8.82 -27.33
C SER A 125 -0.88 -7.31 -27.29
N ASP A 126 -2.07 -6.78 -27.00
CA ASP A 126 -2.27 -5.33 -27.05
C ASP A 126 -1.39 -4.58 -26.07
N TYR A 127 -1.11 -5.18 -24.91
CA TYR A 127 -0.23 -4.53 -23.95
C TYR A 127 1.11 -4.18 -24.59
N GLY A 128 1.64 -5.10 -25.40
CA GLY A 128 2.94 -4.90 -25.99
C GLY A 128 2.97 -3.89 -27.11
N ASN A 129 1.86 -3.74 -27.85
CA ASN A 129 1.92 -2.93 -29.07
C ASN A 129 0.63 -2.24 -29.51
N ASP A 130 -0.38 -2.13 -28.68
CA ASP A 130 -1.58 -1.41 -29.11
C ASP A 130 -2.09 -0.57 -27.94
N ARG A 131 -1.44 0.58 -27.74
CA ARG A 131 -1.88 1.53 -26.73
C ARG A 131 -3.38 1.80 -26.85
N TYR A 132 -3.86 1.96 -28.09
CA TYR A 132 -5.25 2.32 -28.31
C TYR A 132 -6.18 1.27 -27.75
N ARG A 133 -5.90 -0.01 -28.02
CA ARG A 133 -6.78 -1.05 -27.53
C ARG A 133 -6.73 -1.15 -26.01
N VAL A 134 -5.54 -0.95 -25.41
CA VAL A 134 -5.40 -1.04 -23.97
C VAL A 134 -6.28 -0.02 -23.28
N GLN A 135 -6.42 1.16 -23.89
CA GLN A 135 -7.14 2.24 -23.25
C GLN A 135 -8.57 2.42 -23.73
N ASN A 136 -8.98 1.83 -24.86
CA ASN A 136 -10.34 2.00 -25.33
C ASN A 136 -11.14 0.71 -25.39
N CYS A 137 -10.51 -0.45 -25.28
CA CYS A 137 -11.19 -1.73 -25.27
C CYS A 137 -11.47 -2.15 -23.83
N GLU A 138 -12.12 -3.28 -23.68
CA GLU A 138 -12.66 -3.71 -22.41
C GLU A 138 -11.67 -4.61 -21.69
N LEU A 139 -11.39 -4.25 -20.44
CA LEU A 139 -10.60 -5.07 -19.52
C LEU A 139 -11.51 -6.16 -18.99
N VAL A 140 -11.23 -7.40 -19.38
CA VAL A 140 -11.99 -8.59 -18.97
C VAL A 140 -13.49 -8.34 -18.99
N GLY A 141 -13.97 -7.74 -20.07
CA GLY A 141 -15.38 -7.55 -20.31
C GLY A 141 -16.03 -6.40 -19.58
N LEU A 142 -15.26 -5.61 -18.83
CA LEU A 142 -15.82 -4.50 -18.09
C LEU A 142 -16.12 -3.34 -19.06
N ALA A 143 -17.28 -2.73 -18.89
CA ALA A 143 -17.70 -1.66 -19.80
C ALA A 143 -16.77 -0.47 -19.72
N ASP A 144 -16.12 -0.16 -20.82
CA ASP A 144 -15.05 0.84 -20.81
C ASP A 144 -15.65 2.22 -21.03
N LEU A 145 -15.59 3.05 -19.99
CA LEU A 145 -16.19 4.37 -20.05
C LEU A 145 -15.43 5.25 -21.04
N ASP A 146 -16.16 6.16 -21.67
CA ASP A 146 -15.55 7.19 -22.52
C ASP A 146 -15.01 8.30 -21.62
N THR A 147 -13.77 8.12 -21.18
CA THR A 147 -13.19 9.03 -20.21
C THR A 147 -12.76 10.34 -20.85
N ALA A 148 -12.88 10.45 -22.18
CA ALA A 148 -12.72 11.73 -22.88
C ALA A 148 -13.99 12.57 -22.86
N SER A 149 -15.13 11.96 -22.55
CA SER A 149 -16.40 12.65 -22.54
C SER A 149 -16.50 13.58 -21.34
N ASN A 150 -17.03 14.78 -21.59
CA ASN A 150 -17.19 15.73 -20.50
C ASN A 150 -18.21 15.23 -19.48
N TYR A 151 -19.29 14.57 -19.94
CA TYR A 151 -20.26 14.05 -18.99
C TYR A 151 -19.62 13.01 -18.07
N VAL A 152 -18.78 12.13 -18.64
CA VAL A 152 -18.15 11.08 -17.83
C VAL A 152 -17.19 11.70 -16.82
N GLN A 153 -16.37 12.64 -17.29
CA GLN A 153 -15.45 13.33 -16.39
C GLN A 153 -16.21 14.03 -15.27
N ASN A 154 -17.31 14.70 -15.62
CA ASN A 154 -18.05 15.39 -14.58
C ASN A 154 -18.64 14.41 -13.59
N THR A 155 -19.12 13.26 -14.07
CA THR A 155 -19.74 12.30 -13.16
C THR A 155 -18.71 11.67 -12.21
N ILE A 156 -17.56 11.31 -12.75
CA ILE A 156 -16.51 10.77 -11.90
C ILE A 156 -16.00 11.83 -10.96
N ALA A 157 -15.83 13.06 -11.46
CA ALA A 157 -15.35 14.15 -10.61
C ALA A 157 -16.34 14.44 -9.50
N ALA A 158 -17.64 14.31 -9.77
CA ALA A 158 -18.62 14.56 -8.71
C ALA A 158 -18.52 13.52 -7.61
N TYR A 159 -18.20 12.29 -7.99
CA TYR A 159 -18.01 11.21 -7.01
C TYR A 159 -16.80 11.49 -6.16
N ILE A 160 -15.70 11.89 -6.82
CA ILE A 160 -14.50 12.23 -6.09
C ILE A 160 -14.74 13.42 -5.17
N ASN A 161 -15.44 14.45 -5.67
CA ASN A 161 -15.66 15.65 -4.88
C ASN A 161 -16.69 15.43 -3.76
N ASP A 162 -17.67 14.54 -3.96
CA ASP A 162 -18.52 14.10 -2.85
C ASP A 162 -17.68 13.45 -1.76
N LEU A 163 -16.77 12.55 -2.15
CA LEU A 163 -15.93 11.90 -1.15
C LEU A 163 -15.00 12.91 -0.45
N GLN A 164 -14.49 13.92 -1.18
CA GLN A 164 -13.68 14.95 -0.53
C GLN A 164 -14.50 15.77 0.47
N ALA A 165 -15.72 16.11 0.08
CA ALA A 165 -16.59 16.89 0.92
C ALA A 165 -16.89 16.22 2.24
N ILE A 166 -16.88 14.87 2.27
CA ILE A 166 -17.14 14.19 3.53
C ILE A 166 -15.86 13.81 4.24
N GLY A 167 -14.70 14.16 3.69
CA GLY A 167 -13.47 14.06 4.46
C GLY A 167 -12.41 13.15 3.89
N VAL A 168 -12.63 12.55 2.73
CA VAL A 168 -11.64 11.64 2.16
C VAL A 168 -10.45 12.45 1.66
N LYS A 169 -9.22 12.00 1.96
CA LYS A 169 -8.04 12.78 1.65
C LYS A 169 -7.21 12.26 0.49
N GLY A 170 -7.48 11.04 0.00
CA GLY A 170 -6.74 10.58 -1.15
C GLY A 170 -7.52 9.57 -1.96
N PHE A 171 -6.91 9.20 -3.09
CA PHE A 171 -7.57 8.33 -4.05
C PHE A 171 -6.55 7.48 -4.79
N ARG A 172 -6.89 6.19 -4.89
CA ARG A 172 -6.21 5.24 -5.75
C ARG A 172 -6.98 5.23 -7.05
N PHE A 173 -6.32 5.55 -8.15
CA PHE A 173 -7.02 5.52 -9.45
C PHE A 173 -6.79 4.13 -10.01
N ASP A 174 -7.78 3.25 -9.80
CA ASP A 174 -7.72 1.89 -10.31
C ASP A 174 -7.56 1.87 -11.82
N ALA A 175 -6.73 0.94 -12.31
CA ALA A 175 -6.65 0.63 -13.73
C ALA A 175 -6.25 1.87 -14.54
N SER A 176 -5.38 2.71 -13.97
CA SER A 176 -5.01 3.97 -14.65
C SER A 176 -4.34 3.74 -16.01
N LYS A 177 -3.65 2.62 -16.20
CA LYS A 177 -3.04 2.33 -17.50
C LYS A 177 -4.07 2.30 -18.61
N HIS A 178 -5.31 1.92 -18.29
CA HIS A 178 -6.38 1.76 -19.27
C HIS A 178 -7.10 3.05 -19.55
N VAL A 179 -6.59 4.16 -19.00
CA VAL A 179 -7.09 5.49 -19.24
C VAL A 179 -5.93 6.36 -19.73
N ALA A 180 -6.11 7.01 -20.88
CA ALA A 180 -5.08 7.91 -21.36
C ALA A 180 -4.74 8.93 -20.28
N ALA A 181 -3.45 9.19 -20.11
CA ALA A 181 -3.03 10.18 -19.12
C ALA A 181 -3.69 11.52 -19.39
N SER A 182 -3.95 11.86 -20.65
CA SER A 182 -4.62 13.14 -20.92
C SER A 182 -6.06 13.16 -20.44
N ASP A 183 -6.78 12.02 -20.49
CA ASP A 183 -8.10 11.97 -19.87
C ASP A 183 -8.01 12.17 -18.36
N ILE A 184 -7.00 11.58 -17.72
CA ILE A 184 -6.85 11.76 -16.27
C ILE A 184 -6.56 13.22 -15.97
N GLN A 185 -5.74 13.85 -16.80
CA GLN A 185 -5.49 15.28 -16.65
C GLN A 185 -6.79 16.07 -16.70
N SER A 186 -7.65 15.76 -17.67
CA SER A 186 -8.89 16.52 -17.75
C SER A 186 -9.76 16.26 -16.54
N LEU A 187 -9.77 15.01 -16.08
CA LEU A 187 -10.54 14.70 -14.88
C LEU A 187 -10.05 15.53 -13.69
N MET A 188 -8.74 15.56 -13.48
CA MET A 188 -8.18 16.21 -12.30
C MET A 188 -8.51 17.70 -12.29
N ALA A 189 -8.60 18.31 -13.49
CA ALA A 189 -9.01 19.71 -13.56
C ALA A 189 -10.42 19.94 -13.02
N LYS A 190 -11.26 18.92 -12.95
CA LYS A 190 -12.57 19.03 -12.31
C LYS A 190 -12.57 18.60 -10.84
N VAL A 191 -11.46 18.12 -10.33
CA VAL A 191 -11.34 17.66 -8.95
C VAL A 191 -10.93 18.82 -8.05
N ASN A 192 -11.70 19.04 -6.98
CA ASN A 192 -11.43 20.12 -6.07
C ASN A 192 -10.11 19.95 -5.32
N GLY A 193 -9.33 21.03 -5.24
CA GLY A 193 -8.15 21.03 -4.38
C GLY A 193 -7.03 20.15 -4.94
N SER A 194 -6.23 19.60 -4.05
CA SER A 194 -5.13 18.72 -4.45
C SER A 194 -5.03 17.57 -3.47
N PRO A 195 -5.97 16.63 -3.53
CA PRO A 195 -5.88 15.47 -2.66
C PRO A 195 -4.72 14.61 -3.10
N VAL A 196 -4.38 13.64 -2.27
CA VAL A 196 -3.41 12.63 -2.67
C VAL A 196 -4.04 11.76 -3.74
N VAL A 197 -3.32 11.55 -4.84
CA VAL A 197 -3.78 10.70 -5.92
C VAL A 197 -2.66 9.78 -6.29
N PHE A 198 -2.89 8.50 -6.20
CA PHE A 198 -1.93 7.58 -6.78
C PHE A 198 -2.61 6.71 -7.84
N GLN A 199 -1.90 6.52 -8.93
CA GLN A 199 -2.40 5.85 -10.12
C GLN A 199 -1.80 4.47 -10.23
N GLU A 200 -2.67 3.48 -10.41
CA GLU A 200 -2.23 2.10 -10.54
C GLU A 200 -1.84 1.85 -11.97
N VAL A 201 -0.53 1.70 -12.21
CA VAL A 201 0.04 1.48 -13.53
C VAL A 201 1.11 0.43 -13.34
N ILE A 202 0.89 -0.76 -13.88
CA ILE A 202 1.83 -1.85 -13.79
C ILE A 202 2.78 -1.72 -14.98
N ASP A 203 4.04 -1.37 -14.72
CA ASP A 203 5.01 -1.19 -15.82
C ASP A 203 6.36 -1.72 -15.38
N LEU A 204 6.62 -2.98 -15.71
CA LEU A 204 7.93 -3.59 -15.52
C LEU A 204 8.80 -3.45 -16.75
N GLY A 205 8.36 -2.70 -17.74
CA GLY A 205 9.13 -2.44 -18.93
C GLY A 205 8.60 -3.21 -20.12
N GLY A 206 8.86 -2.67 -21.31
CA GLY A 206 8.62 -3.41 -22.54
C GLY A 206 7.20 -3.37 -23.05
N GLU A 207 6.41 -2.41 -22.62
CA GLU A 207 5.02 -2.29 -23.04
C GLU A 207 4.82 -0.96 -23.75
N ALA A 208 3.70 -0.87 -24.48
CA ALA A 208 3.35 0.36 -25.18
C ALA A 208 3.18 1.53 -24.23
N ILE A 209 2.55 1.30 -23.09
CA ILE A 209 2.28 2.35 -22.14
C ILE A 209 3.31 2.31 -21.02
N LYS A 210 3.71 3.49 -20.55
CA LYS A 210 4.79 3.62 -19.58
C LYS A 210 4.25 4.31 -18.33
N SER A 211 4.69 3.83 -17.16
CA SER A 211 4.31 4.49 -15.92
C SER A 211 4.75 5.96 -15.91
N SER A 212 5.77 6.30 -16.68
CA SER A 212 6.27 7.67 -16.68
C SER A 212 5.26 8.64 -17.27
N GLU A 213 4.31 8.16 -18.07
CA GLU A 213 3.31 9.05 -18.65
C GLU A 213 2.39 9.64 -17.59
N TYR A 214 2.35 9.05 -16.41
CA TYR A 214 1.39 9.40 -15.38
C TYR A 214 2.00 10.26 -14.27
N LEU A 215 3.30 10.60 -14.36
CA LEU A 215 3.98 11.30 -13.26
C LEU A 215 3.39 12.68 -13.02
N SER A 216 2.92 13.34 -14.09
CA SER A 216 2.40 14.69 -13.98
C SER A 216 1.01 14.76 -13.36
N THR A 217 0.28 13.64 -13.29
CA THR A 217 -1.09 13.68 -12.77
C THR A 217 -1.22 13.20 -11.32
N GLY A 218 -0.14 12.73 -10.72
CA GLY A 218 -0.20 12.23 -9.37
C GLY A 218 0.93 11.27 -9.08
N LEU A 219 0.84 10.60 -7.94
CA LEU A 219 1.80 9.54 -7.68
C LEU A 219 1.47 8.34 -8.57
N VAL A 220 2.41 7.41 -8.64
CA VAL A 220 2.24 6.21 -9.47
C VAL A 220 2.78 5.02 -8.71
N THR A 221 2.02 3.92 -8.76
CA THR A 221 2.51 2.64 -8.27
C THR A 221 3.77 2.23 -9.01
N GLU A 222 4.84 1.98 -8.28
CA GLU A 222 6.09 1.47 -8.86
C GLU A 222 6.14 -0.03 -8.60
N PHE A 223 5.60 -0.81 -9.53
CA PHE A 223 5.58 -2.26 -9.33
C PHE A 223 6.95 -2.89 -9.48
N LYS A 224 7.92 -2.18 -10.09
CA LYS A 224 9.28 -2.70 -10.15
C LYS A 224 9.84 -2.91 -8.76
N TYR A 225 9.41 -2.09 -7.80
CA TYR A 225 9.98 -2.11 -6.46
C TYR A 225 9.78 -3.48 -5.82
N GLY A 226 8.52 -3.91 -5.64
CA GLY A 226 8.25 -5.21 -5.04
C GLY A 226 8.76 -6.37 -5.86
N ALA A 227 8.72 -6.25 -7.19
CA ALA A 227 9.19 -7.35 -8.03
C ALA A 227 10.68 -7.58 -7.84
N LYS A 228 11.47 -6.52 -7.94
CA LYS A 228 12.91 -6.67 -7.77
C LYS A 228 13.28 -6.97 -6.33
N LEU A 229 12.55 -6.39 -5.37
CA LEU A 229 12.87 -6.64 -3.97
C LEU A 229 12.64 -8.09 -3.63
N GLY A 230 11.58 -8.68 -4.16
CA GLY A 230 11.32 -10.08 -3.91
C GLY A 230 12.35 -10.98 -4.57
N THR A 231 12.82 -10.61 -5.75
CA THR A 231 13.84 -11.45 -6.37
C THR A 231 15.11 -11.44 -5.55
N VAL A 232 15.53 -10.26 -5.11
CA VAL A 232 16.73 -10.14 -4.30
C VAL A 232 16.59 -10.94 -3.00
N PHE A 233 15.45 -10.79 -2.30
CA PHE A 233 15.30 -11.47 -1.01
C PHE A 233 15.24 -12.98 -1.16
N ARG A 234 14.76 -13.48 -2.30
CA ARG A 234 14.63 -14.91 -2.51
C ARG A 234 15.90 -15.56 -3.06
N ASN A 235 16.61 -14.89 -3.98
CA ASN A 235 17.70 -15.48 -4.74
C ASN A 235 18.99 -14.68 -4.73
N GLY A 236 18.95 -13.38 -4.47
CA GLY A 236 20.09 -12.53 -4.57
C GLY A 236 20.75 -12.24 -3.23
N SER A 237 21.45 -11.11 -3.19
CA SER A 237 22.17 -10.64 -2.01
C SER A 237 21.64 -9.28 -1.57
N LEU A 238 21.31 -9.17 -0.28
CA LEU A 238 20.90 -7.87 0.24
C LEU A 238 21.97 -6.81 0.01
N ALA A 239 23.23 -7.19 -0.13
CA ALA A 239 24.27 -6.19 -0.32
C ALA A 239 24.02 -5.35 -1.57
N TRP A 240 23.39 -5.93 -2.60
CA TRP A 240 23.12 -5.19 -3.84
C TRP A 240 22.17 -4.02 -3.66
N LEU A 241 21.45 -3.96 -2.53
CA LEU A 241 20.39 -2.96 -2.34
C LEU A 241 20.93 -1.60 -1.90
N SER A 242 22.23 -1.36 -1.97
CA SER A 242 22.78 -0.12 -1.41
C SER A 242 22.33 1.10 -2.21
N ASN A 243 22.01 0.95 -3.49
N ASN A 243 22.08 0.91 -3.50
CA ASN A 243 21.55 2.09 -4.29
CA ASN A 243 21.59 1.93 -4.44
C ASN A 243 20.12 1.88 -4.81
C ASN A 243 20.26 1.50 -5.05
N PHE A 244 19.38 0.94 -4.20
CA PHE A 244 18.00 0.69 -4.60
C PHE A 244 17.31 2.01 -4.87
N GLY A 245 16.45 2.03 -5.90
CA GLY A 245 15.74 3.24 -6.28
C GLY A 245 15.97 3.55 -7.77
N GLU A 246 16.20 4.84 -8.02
N GLU A 246 16.16 4.85 -8.05
CA GLU A 246 16.36 5.33 -9.38
CA GLU A 246 16.30 5.23 -9.47
C GLU A 246 17.50 4.61 -10.11
C GLU A 246 17.47 4.48 -10.13
N GLY A 247 18.54 4.22 -9.38
CA GLY A 247 19.63 3.46 -9.98
C GLY A 247 19.26 2.08 -10.47
N TRP A 248 18.16 1.52 -9.98
CA TRP A 248 17.63 0.27 -10.51
C TRP A 248 16.62 0.49 -11.64
N GLY A 249 16.52 1.69 -12.17
CA GLY A 249 15.54 1.99 -13.19
C GLY A 249 14.17 2.43 -12.70
N PHE A 250 14.01 2.63 -11.39
CA PHE A 250 12.72 3.06 -10.85
C PHE A 250 12.46 4.54 -11.13
N MET A 251 11.20 4.92 -11.02
CA MET A 251 10.77 6.28 -11.15
C MET A 251 11.30 7.08 -9.95
N PRO A 252 11.20 8.39 -10.01
CA PRO A 252 11.69 9.22 -8.91
C PRO A 252 11.00 8.89 -7.60
N SER A 253 11.77 8.92 -6.52
CA SER A 253 11.24 8.53 -5.22
C SER A 253 10.01 9.36 -4.84
N SER A 254 10.01 10.65 -5.15
CA SER A 254 8.91 11.51 -4.73
C SER A 254 7.64 11.31 -5.55
N SER A 255 7.68 10.43 -6.54
CA SER A 255 6.53 10.09 -7.35
C SER A 255 5.96 8.70 -7.03
N ALA A 256 6.70 7.86 -6.32
CA ALA A 256 6.42 6.43 -6.28
C ALA A 256 5.60 6.07 -5.05
N VAL A 257 4.59 5.21 -5.26
CA VAL A 257 4.01 4.41 -4.20
C VAL A 257 4.62 3.02 -4.28
N VAL A 258 5.15 2.52 -3.17
CA VAL A 258 5.90 1.28 -3.15
C VAL A 258 5.23 0.33 -2.16
N PHE A 259 5.52 -0.95 -2.34
CA PHE A 259 4.87 -1.99 -1.55
C PHE A 259 5.53 -3.31 -1.90
N VAL A 260 5.48 -4.25 -0.96
CA VAL A 260 6.06 -5.56 -1.20
C VAL A 260 5.12 -6.43 -2.03
N ASP A 261 3.82 -6.41 -1.71
CA ASP A 261 2.80 -7.09 -2.48
C ASP A 261 1.55 -6.22 -2.46
N ASN A 262 0.61 -6.51 -3.37
CA ASN A 262 -0.72 -5.91 -3.29
C ASN A 262 -1.76 -7.00 -3.43
N HIS A 263 -3.03 -6.59 -3.43
CA HIS A 263 -4.12 -7.56 -3.34
C HIS A 263 -4.18 -8.43 -4.58
N ASP A 264 -3.80 -7.90 -5.75
CA ASP A 264 -3.75 -8.71 -6.97
C ASP A 264 -2.61 -9.71 -6.93
N ASN A 265 -1.40 -9.22 -6.69
CA ASN A 265 -0.25 -10.06 -6.97
C ASN A 265 0.15 -10.97 -5.82
N GLN A 266 -0.50 -10.87 -4.65
CA GLN A 266 -0.36 -11.92 -3.64
C GLN A 266 -1.17 -13.16 -4.00
N ARG A 267 -2.09 -13.06 -4.97
CA ARG A 267 -2.86 -14.19 -5.50
C ARG A 267 -2.32 -14.68 -6.84
N GLY A 268 -1.28 -14.06 -7.37
CA GLY A 268 -0.92 -14.30 -8.74
C GLY A 268 -1.75 -13.57 -9.78
N HIS A 269 -2.59 -12.61 -9.38
CA HIS A 269 -3.18 -11.73 -10.39
C HIS A 269 -2.17 -10.61 -10.72
N GLY A 270 -2.59 -9.67 -11.57
CA GLY A 270 -1.72 -8.63 -12.08
C GLY A 270 -0.22 -8.85 -11.88
N GLY A 273 4.06 -12.94 -10.93
CA GLY A 273 5.18 -12.76 -10.04
C GLY A 273 5.33 -13.88 -9.02
N SER A 274 6.00 -14.96 -9.42
CA SER A 274 6.41 -15.98 -8.46
C SER A 274 7.41 -15.41 -7.45
N SER A 275 8.06 -14.30 -7.78
CA SER A 275 9.04 -13.72 -6.85
C SER A 275 8.40 -12.83 -5.79
N ILE A 276 7.13 -12.41 -5.95
CA ILE A 276 6.52 -11.51 -4.97
C ILE A 276 6.46 -12.18 -3.61
N LEU A 277 6.93 -11.47 -2.58
CA LEU A 277 6.76 -11.94 -1.20
C LEU A 277 5.41 -11.54 -0.63
N THR A 278 4.82 -12.43 0.17
CA THR A 278 3.57 -12.15 0.84
C THR A 278 3.64 -12.65 2.27
N PHE A 279 2.54 -12.46 3.01
CA PHE A 279 2.47 -12.98 4.37
C PHE A 279 2.81 -14.47 4.44
N GLU A 280 2.56 -15.20 3.36
CA GLU A 280 2.87 -16.62 3.34
C GLU A 280 4.35 -16.89 3.57
N ASP A 281 5.22 -15.93 3.34
CA ASP A 281 6.64 -16.16 3.47
C ASP A 281 7.15 -15.83 4.86
N GLY A 282 6.24 -15.54 5.79
CA GLY A 282 6.66 -15.44 7.17
C GLY A 282 7.74 -14.41 7.38
N ARG A 283 8.80 -14.85 8.06
CA ARG A 283 9.87 -13.95 8.46
C ARG A 283 10.56 -13.32 7.26
N LEU A 284 10.55 -13.99 6.10
CA LEU A 284 11.11 -13.35 4.91
C LEU A 284 10.31 -12.10 4.56
N TYR A 285 8.99 -12.16 4.74
CA TYR A 285 8.14 -10.99 4.55
C TYR A 285 8.43 -9.90 5.57
N ASP A 286 8.55 -10.28 6.85
CA ASP A 286 8.97 -9.34 7.88
C ASP A 286 10.19 -8.54 7.43
N LEU A 287 11.25 -9.27 7.07
CA LEU A 287 12.51 -8.63 6.76
C LEU A 287 12.39 -7.73 5.55
N ALA A 288 11.67 -8.19 4.52
CA ALA A 288 11.54 -7.35 3.33
C ALA A 288 10.80 -6.06 3.67
N ASN A 289 9.81 -6.15 4.56
CA ASN A 289 9.09 -4.94 4.97
C ASN A 289 10.00 -4.03 5.78
N VAL A 290 10.84 -4.60 6.65
CA VAL A 290 11.76 -3.78 7.43
C VAL A 290 12.68 -3.00 6.49
N PHE A 291 13.20 -3.67 5.47
CA PHE A 291 14.03 -2.94 4.52
C PHE A 291 13.23 -1.83 3.86
N MET A 292 12.03 -2.16 3.35
CA MET A 292 11.24 -1.17 2.62
C MET A 292 11.03 0.07 3.46
N LEU A 293 10.60 -0.14 4.72
CA LEU A 293 10.20 0.96 5.59
C LEU A 293 11.40 1.74 6.12
N ALA A 294 12.56 1.09 6.26
CA ALA A 294 13.74 1.86 6.65
C ALA A 294 14.40 2.58 5.47
N TYR A 295 14.25 2.04 4.27
CA TYR A 295 14.97 2.62 3.15
C TYR A 295 14.24 3.86 2.61
N PRO A 296 14.97 4.95 2.31
CA PRO A 296 14.38 6.22 1.88
C PRO A 296 14.04 6.30 0.39
N TYR A 297 13.15 5.41 -0.06
CA TYR A 297 12.57 5.51 -1.40
C TYR A 297 11.06 5.30 -1.32
N GLY A 298 10.29 6.24 -1.89
CA GLY A 298 8.88 6.07 -2.09
C GLY A 298 7.98 6.43 -0.91
N TYR A 299 6.67 6.28 -1.15
CA TYR A 299 5.59 6.31 -0.17
C TYR A 299 5.11 4.88 0.04
N PRO A 300 5.47 4.22 1.14
CA PRO A 300 5.15 2.79 1.24
C PRO A 300 3.71 2.52 1.65
N ARG A 301 3.16 1.43 1.10
CA ARG A 301 1.85 0.92 1.49
C ARG A 301 2.04 -0.48 2.05
N VAL A 302 1.71 -0.64 3.32
CA VAL A 302 1.74 -1.96 3.94
C VAL A 302 0.48 -2.72 3.51
N MET A 303 0.65 -3.98 3.14
CA MET A 303 -0.48 -4.80 2.76
C MET A 303 -1.07 -5.44 4.02
N SER A 304 -2.39 -5.52 4.07
CA SER A 304 -3.09 -6.21 5.16
C SER A 304 -4.13 -7.13 4.56
N SER A 305 -3.94 -8.44 4.76
CA SER A 305 -4.57 -9.50 4.00
C SER A 305 -5.44 -10.38 4.87
N TYR A 306 -6.14 -11.29 4.19
CA TYR A 306 -6.77 -12.44 4.82
C TYR A 306 -6.26 -13.71 4.16
N ASP A 307 -6.21 -14.77 4.96
CA ASP A 307 -5.95 -16.14 4.52
C ASP A 307 -7.09 -16.54 3.63
N PHE A 308 -6.85 -16.71 2.33
CA PHE A 308 -7.95 -17.09 1.45
C PHE A 308 -7.99 -18.59 1.19
N HIS A 309 -7.22 -19.39 1.93
CA HIS A 309 -7.40 -20.84 1.94
C HIS A 309 -7.31 -21.42 0.55
N GLY A 310 -6.51 -20.81 -0.29
CA GLY A 310 -6.24 -21.33 -1.61
C GLY A 310 -7.19 -20.88 -2.67
N ASN A 311 -8.23 -20.12 -2.34
CA ASN A 311 -9.18 -19.65 -3.33
C ASN A 311 -8.86 -18.19 -3.63
N ASP A 312 -8.16 -17.97 -4.74
CA ASP A 312 -7.79 -16.65 -5.21
CA ASP A 312 -7.79 -16.62 -5.14
C ASP A 312 -8.99 -15.75 -5.49
N TRP A 313 -10.21 -16.30 -5.57
CA TRP A 313 -11.40 -15.49 -5.82
C TRP A 313 -12.20 -15.16 -4.56
N ALA A 314 -11.99 -15.90 -3.48
CA ALA A 314 -12.86 -15.76 -2.32
C ALA A 314 -12.77 -14.37 -1.70
N GLY A 315 -13.89 -13.94 -1.13
CA GLY A 315 -13.96 -12.77 -0.32
C GLY A 315 -13.33 -13.03 1.03
N GLY A 316 -13.45 -12.06 1.90
CA GLY A 316 -12.81 -12.16 3.17
C GLY A 316 -13.60 -13.01 4.14
N PRO A 317 -13.01 -13.21 5.31
CA PRO A 317 -13.68 -14.00 6.34
C PRO A 317 -15.04 -13.40 6.67
N ASN A 318 -16.01 -14.27 6.98
CA ASN A 318 -17.30 -13.73 7.42
CA ASN A 318 -17.33 -13.88 7.44
C ASN A 318 -17.38 -13.73 8.95
N VAL A 319 -16.27 -13.36 9.57
CA VAL A 319 -16.14 -13.01 10.98
C VAL A 319 -15.45 -11.65 10.98
N PRO A 320 -15.95 -10.64 11.69
CA PRO A 320 -15.26 -9.34 11.66
C PRO A 320 -13.94 -9.45 12.37
N VAL A 321 -13.11 -8.42 12.15
CA VAL A 321 -11.80 -8.39 12.81
C VAL A 321 -11.97 -8.21 14.32
N HIS A 322 -12.84 -7.29 14.69
CA HIS A 322 -13.16 -6.96 16.07
C HIS A 322 -14.47 -7.69 16.35
N ASN A 323 -14.34 -8.88 16.91
CA ASN A 323 -15.44 -9.82 17.03
C ASN A 323 -15.81 -9.96 18.50
N ASN A 324 -16.67 -9.06 18.98
CA ASN A 324 -17.18 -9.10 20.35
C ASN A 324 -16.04 -9.30 21.35
N GLY A 325 -14.98 -8.52 21.17
CA GLY A 325 -13.91 -8.49 22.14
C GLY A 325 -12.73 -9.37 21.83
N ASN A 326 -12.83 -10.20 20.81
CA ASN A 326 -11.69 -11.00 20.35
C ASN A 326 -11.22 -10.46 19.00
N LEU A 327 -9.90 -10.30 18.85
CA LEU A 327 -9.29 -9.83 17.61
C LEU A 327 -9.03 -11.04 16.70
N GLU A 328 -9.67 -11.07 15.54
CA GLU A 328 -9.54 -12.22 14.63
C GLU A 328 -8.35 -12.05 13.69
N CYS A 329 -7.19 -11.78 14.27
CA CYS A 329 -5.95 -11.57 13.52
C CYS A 329 -4.98 -12.74 13.70
N PHE A 330 -4.07 -12.88 12.74
CA PHE A 330 -2.80 -13.58 12.85
C PHE A 330 -2.93 -15.05 12.51
N ALA A 331 -4.13 -15.58 12.39
CA ALA A 331 -4.35 -17.01 12.20
C ALA A 331 -4.99 -17.26 10.82
N SER A 332 -6.09 -17.96 10.72
CA SER A 332 -6.56 -18.35 9.40
C SER A 332 -7.74 -17.51 8.94
N ASN A 333 -7.95 -16.35 9.57
CA ASN A 333 -8.92 -15.38 9.09
C ASN A 333 -8.13 -14.20 8.55
N TRP A 334 -8.24 -13.04 9.22
CA TRP A 334 -7.45 -11.87 8.87
C TRP A 334 -6.01 -12.05 9.33
N LYS A 335 -5.06 -11.68 8.47
CA LYS A 335 -3.66 -11.83 8.82
C LYS A 335 -3.11 -10.63 9.60
N CYS A 336 -3.61 -9.42 9.33
CA CYS A 336 -3.21 -8.21 10.07
C CYS A 336 -1.71 -7.96 10.03
N GLU A 337 -1.12 -8.01 8.82
CA GLU A 337 0.32 -7.78 8.70
C GLU A 337 0.73 -6.43 9.28
N HIS A 338 -0.19 -5.44 9.26
CA HIS A 338 0.15 -4.12 9.74
C HIS A 338 0.40 -4.11 11.25
N ARG A 339 -0.04 -5.14 11.95
CA ARG A 339 0.21 -5.33 13.37
C ARG A 339 1.40 -6.24 13.66
N TRP A 340 2.03 -6.82 12.67
CA TRP A 340 3.21 -7.63 12.95
C TRP A 340 4.32 -6.73 13.47
N SER A 341 5.03 -7.20 14.51
CA SER A 341 5.99 -6.39 15.25
C SER A 341 7.04 -5.74 14.36
N TYR A 342 7.66 -6.52 13.48
CA TYR A 342 8.71 -5.95 12.64
C TYR A 342 8.14 -4.93 11.68
N ILE A 343 6.89 -5.09 11.25
CA ILE A 343 6.32 -4.19 10.25
C ILE A 343 5.89 -2.87 10.89
N ALA A 344 5.13 -2.95 11.98
CA ALA A 344 4.75 -1.73 12.69
C ALA A 344 5.99 -1.02 13.25
N GLY A 345 7.01 -1.78 13.67
CA GLY A 345 8.24 -1.14 14.11
C GLY A 345 8.95 -0.42 12.97
N GLY A 346 8.92 -1.02 11.77
CA GLY A 346 9.47 -0.33 10.61
C GLY A 346 8.75 0.97 10.34
N VAL A 347 7.43 1.01 10.55
CA VAL A 347 6.68 2.25 10.38
C VAL A 347 7.12 3.30 11.38
N ASP A 348 7.28 2.91 12.65
CA ASP A 348 7.76 3.86 13.64
C ASP A 348 9.12 4.42 13.22
N PHE A 349 10.02 3.57 12.74
CA PHE A 349 11.33 4.01 12.31
C PHE A 349 11.22 5.03 11.18
N ARG A 350 10.43 4.71 10.16
CA ARG A 350 10.27 5.64 9.03
C ARG A 350 9.69 6.95 9.51
N ASN A 351 8.72 6.88 10.42
CA ASN A 351 8.04 8.07 10.94
C ASN A 351 9.00 9.02 11.66
N ASN A 352 10.14 8.53 12.15
CA ASN A 352 11.03 9.31 12.99
C ASN A 352 12.39 9.49 12.33
N THR A 353 12.56 9.04 11.10
CA THR A 353 13.78 9.31 10.34
C THR A 353 13.48 10.11 9.08
N ALA A 354 12.30 10.69 8.99
CA ALA A 354 11.86 11.38 7.79
C ALA A 354 12.53 12.72 7.60
N ASP A 355 13.22 13.24 8.62
CA ASP A 355 13.97 14.46 8.42
C ASP A 355 15.31 14.22 7.77
N ASN A 356 15.64 12.96 7.47
CA ASN A 356 16.93 12.68 6.83
C ASN A 356 16.74 11.60 5.78
N TRP A 357 16.49 12.03 4.55
CA TRP A 357 16.15 11.09 3.50
C TRP A 357 17.38 10.58 2.76
N ALA A 358 18.44 10.26 3.49
CA ALA A 358 19.68 9.76 2.93
C ALA A 358 20.04 8.41 3.53
N VAL A 359 20.87 7.67 2.81
CA VAL A 359 21.47 6.44 3.29
C VAL A 359 22.91 6.76 3.69
N THR A 360 23.28 6.45 4.93
CA THR A 360 24.59 6.73 5.48
C THR A 360 25.21 5.46 6.03
N ASN A 361 26.54 5.42 6.02
CA ASN A 361 27.30 4.32 6.61
C ASN A 361 26.74 2.95 6.22
N TRP A 362 26.47 2.79 4.94
CA TRP A 362 26.06 1.48 4.46
C TRP A 362 27.15 0.47 4.75
N TRP A 363 26.77 -0.64 5.35
CA TRP A 363 27.66 -1.75 5.63
C TRP A 363 27.00 -3.03 5.11
N ASP A 364 27.82 -3.94 4.58
CA ASP A 364 27.32 -5.28 4.31
C ASP A 364 28.49 -6.24 4.35
N ASN A 365 28.16 -7.53 4.31
CA ASN A 365 29.11 -8.62 4.28
C ASN A 365 29.20 -9.23 2.90
N THR A 366 28.97 -8.44 1.86
CA THR A 366 28.96 -8.86 0.46
C THR A 366 27.81 -9.82 0.16
N ASN A 367 26.97 -10.17 1.13
CA ASN A 367 25.88 -11.07 0.83
C ASN A 367 24.59 -10.61 1.51
N ASN A 368 24.15 -11.32 2.56
CA ASN A 368 22.80 -11.15 3.09
C ASN A 368 22.76 -10.59 4.50
N GLN A 369 23.76 -9.81 4.87
CA GLN A 369 23.75 -9.06 6.10
C GLN A 369 24.04 -7.62 5.74
N ILE A 370 23.18 -6.71 6.20
CA ILE A 370 23.31 -5.30 5.86
C ILE A 370 22.99 -4.46 7.08
N SER A 371 23.52 -3.25 7.08
CA SER A 371 23.19 -2.23 8.07
C SER A 371 23.36 -0.85 7.43
N PHE A 372 22.52 0.09 7.82
CA PHE A 372 22.74 1.44 7.35
C PHE A 372 22.01 2.41 8.25
N GLY A 373 22.25 3.68 8.00
CA GLY A 373 21.73 4.74 8.81
C GLY A 373 20.93 5.73 8.02
N ARG A 374 20.16 6.54 8.72
CA ARG A 374 19.41 7.66 8.18
C ARG A 374 20.08 8.86 8.82
N GLY A 375 21.40 8.95 8.59
CA GLY A 375 22.20 9.90 9.34
C GLY A 375 22.06 9.69 10.83
N SER A 376 21.95 10.82 11.56
CA SER A 376 21.84 10.82 13.00
C SER A 376 20.44 10.52 13.49
N SER A 377 19.49 10.35 12.59
CA SER A 377 18.11 10.11 13.00
C SER A 377 17.80 8.64 13.28
N GLY A 378 18.55 7.70 12.75
CA GLY A 378 18.25 6.31 13.03
C GLY A 378 19.29 5.41 12.41
N HIS A 379 19.20 4.14 12.78
CA HIS A 379 20.10 3.13 12.23
C HIS A 379 19.41 1.78 12.25
N MET A 380 19.80 0.90 11.34
CA MET A 380 19.17 -0.40 11.21
C MET A 380 20.16 -1.45 10.73
N ALA A 381 19.77 -2.71 10.89
CA ALA A 381 20.56 -3.83 10.40
C ALA A 381 19.64 -5.02 10.20
N ILE A 382 19.93 -5.79 9.17
CA ILE A 382 19.19 -7.01 8.85
C ILE A 382 20.18 -8.14 8.74
N ASN A 383 19.89 -9.25 9.40
CA ASN A 383 20.68 -10.47 9.25
C ASN A 383 19.80 -11.54 8.63
N LYS A 384 19.94 -11.74 7.32
CA LYS A 384 19.17 -12.76 6.62
C LYS A 384 20.01 -14.01 6.31
N GLU A 385 20.95 -14.34 7.19
CA GLU A 385 21.76 -15.55 7.10
C GLU A 385 21.51 -16.39 8.33
N ASP A 386 22.07 -17.61 8.30
CA ASP A 386 21.84 -18.58 9.37
C ASP A 386 22.84 -18.47 10.53
N SER A 387 23.87 -17.64 10.43
CA SER A 387 24.77 -17.35 11.53
C SER A 387 24.32 -16.10 12.31
N THR A 388 24.89 -15.89 13.48
CA THR A 388 24.60 -14.68 14.24
C THR A 388 25.51 -13.57 13.75
N LEU A 389 24.96 -12.37 13.64
CA LEU A 389 25.65 -11.22 13.05
C LEU A 389 26.22 -10.41 14.19
N THR A 390 27.55 -10.32 14.27
CA THR A 390 28.19 -9.67 15.41
C THR A 390 29.19 -8.62 14.97
N ALA A 391 29.12 -8.19 13.71
CA ALA A 391 29.98 -7.11 13.27
C ALA A 391 29.80 -5.86 14.15
N THR A 392 30.78 -4.98 14.05
CA THR A 392 30.75 -3.66 14.66
C THR A 392 30.55 -2.65 13.54
N VAL A 393 29.52 -1.82 13.65
CA VAL A 393 29.14 -1.00 12.50
C VAL A 393 29.20 0.44 12.94
N GLN A 394 29.44 1.33 11.98
CA GLN A 394 29.52 2.74 12.24
C GLN A 394 28.17 3.41 12.02
N THR A 395 27.82 4.33 12.92
CA THR A 395 26.61 5.13 12.80
C THR A 395 26.94 6.58 13.09
N ASP A 396 25.95 7.44 12.88
CA ASP A 396 25.99 8.85 13.27
C ASP A 396 25.10 9.11 14.46
N MET A 397 24.72 8.07 15.18
CA MET A 397 23.79 8.23 16.27
C MET A 397 24.56 8.80 17.46
N ALA A 398 23.88 9.63 18.24
CA ALA A 398 24.41 9.99 19.54
C ALA A 398 24.65 8.75 20.40
N SER A 399 25.73 8.74 21.15
CA SER A 399 25.97 7.61 22.03
C SER A 399 24.86 7.55 23.08
N GLY A 400 24.58 6.34 23.54
CA GLY A 400 23.53 6.13 24.51
C GLY A 400 22.84 4.80 24.23
N GLN A 401 21.64 4.68 24.78
CA GLN A 401 20.88 3.43 24.71
C GLN A 401 19.51 3.66 24.11
N TYR A 402 19.12 2.73 23.25
CA TYR A 402 17.97 2.90 22.36
C TYR A 402 17.09 1.67 22.35
N CYS A 403 15.78 1.86 22.25
CA CYS A 403 14.87 0.73 22.06
C CYS A 403 15.02 0.19 20.64
N ASN A 404 15.15 -1.10 20.52
CA ASN A 404 14.98 -1.76 19.23
C ASN A 404 13.49 -1.75 18.91
N VAL A 405 13.07 -0.84 18.02
CA VAL A 405 11.65 -0.59 17.85
C VAL A 405 10.96 -1.70 17.08
N LEU A 406 11.73 -2.66 16.55
CA LEU A 406 11.19 -3.88 15.98
C LEU A 406 10.76 -4.89 17.04
N LYS A 407 11.12 -4.66 18.30
CA LYS A 407 10.83 -5.59 19.37
C LYS A 407 10.18 -4.92 20.58
N GLY A 408 10.01 -3.63 20.59
CA GLY A 408 9.49 -3.00 21.78
C GLY A 408 9.36 -1.52 21.51
N GLU A 409 8.96 -0.80 22.56
CA GLU A 409 8.81 0.63 22.48
C GLU A 409 9.29 1.30 23.76
N LEU A 410 9.58 2.58 23.62
CA LEU A 410 9.93 3.44 24.74
C LEU A 410 8.70 3.72 25.62
N SER A 411 8.87 3.51 26.92
CA SER A 411 7.88 3.93 27.92
C SER A 411 7.50 5.40 27.85
N ALA A 412 6.32 5.75 28.39
CA ALA A 412 5.91 7.16 28.42
C ALA A 412 6.90 8.02 29.18
N ASP A 413 7.48 7.48 30.26
CA ASP A 413 8.44 8.23 31.05
C ASP A 413 9.81 8.32 30.39
N ALA A 414 10.02 7.60 29.28
CA ALA A 414 11.26 7.60 28.53
C ALA A 414 12.41 7.00 29.30
N LYS A 415 12.11 6.27 30.38
CA LYS A 415 13.18 5.67 31.16
C LYS A 415 13.54 4.28 30.68
N SER A 416 12.62 3.56 30.00
CA SER A 416 12.84 2.16 29.69
C SER A 416 12.25 1.76 28.33
N CYS A 417 12.66 0.58 27.85
CA CYS A 417 12.12 -0.05 26.65
C CYS A 417 11.39 -1.31 27.06
N SER A 418 10.29 -1.62 26.37
CA SER A 418 9.56 -2.87 26.64
C SER A 418 10.22 -4.08 25.99
N GLY A 419 11.22 -3.87 25.16
CA GLY A 419 11.98 -4.97 24.59
C GLY A 419 13.46 -4.63 24.56
N GLU A 420 14.20 -5.33 23.70
CA GLU A 420 15.65 -5.20 23.62
C GLU A 420 16.15 -3.76 23.50
N VAL A 421 17.28 -3.53 24.14
CA VAL A 421 17.93 -2.22 24.20
C VAL A 421 19.25 -2.33 23.46
N ILE A 422 19.52 -1.35 22.61
CA ILE A 422 20.73 -1.35 21.77
C ILE A 422 21.62 -0.20 22.23
N THR A 423 22.92 -0.47 22.32
CA THR A 423 23.87 0.51 22.83
C THR A 423 24.69 1.05 21.67
N VAL A 424 24.66 2.37 21.51
CA VAL A 424 25.57 3.10 20.63
C VAL A 424 26.76 3.61 21.44
N ASN A 425 27.94 3.15 21.08
CA ASN A 425 29.17 3.45 21.84
C ASN A 425 29.59 4.91 21.70
N SER A 426 30.61 5.28 22.50
CA SER A 426 31.15 6.64 22.53
C SER A 426 31.56 7.14 21.14
N ASP A 427 32.12 6.24 20.33
CA ASP A 427 32.59 6.56 18.99
C ASP A 427 31.51 6.40 17.94
N GLY A 428 30.25 6.25 18.34
CA GLY A 428 29.14 6.07 17.40
C GLY A 428 28.98 4.68 16.81
N THR A 429 29.76 3.69 17.24
CA THR A 429 29.61 2.33 16.72
C THR A 429 28.58 1.53 17.50
N ILE A 430 28.13 0.43 16.90
CA ILE A 430 27.26 -0.54 17.54
C ILE A 430 27.89 -1.91 17.35
N ASN A 431 27.98 -2.68 18.45
CA ASN A 431 28.46 -4.06 18.39
C ASN A 431 27.22 -4.93 18.20
N LEU A 432 26.95 -5.29 16.95
CA LEU A 432 25.69 -5.97 16.66
C LEU A 432 25.67 -7.33 17.32
N ASN A 433 24.48 -7.79 17.66
CA ASN A 433 24.38 -9.17 18.10
C ASN A 433 22.98 -9.63 17.67
N ILE A 434 22.86 -9.95 16.39
CA ILE A 434 21.58 -10.16 15.77
C ILE A 434 21.47 -11.62 15.41
N GLY A 435 20.50 -12.31 16.00
CA GLY A 435 20.26 -13.69 15.67
C GLY A 435 19.90 -13.85 14.21
N ALA A 436 19.91 -15.11 13.80
CA ALA A 436 19.65 -15.44 12.41
C ALA A 436 18.23 -15.02 12.03
N TRP A 437 18.10 -14.45 10.85
CA TRP A 437 16.81 -14.02 10.33
C TRP A 437 16.13 -13.07 11.30
N ASP A 438 16.90 -12.15 11.88
CA ASP A 438 16.39 -11.13 12.77
C ASP A 438 16.87 -9.77 12.24
N ALA A 439 16.50 -8.70 12.93
CA ALA A 439 16.89 -7.38 12.52
C ALA A 439 16.83 -6.45 13.72
N MET A 440 17.24 -5.21 13.50
CA MET A 440 17.09 -4.19 14.53
C MET A 440 16.96 -2.85 13.85
N ALA A 441 16.29 -1.94 14.56
CA ALA A 441 16.13 -0.57 14.13
C ALA A 441 16.05 0.29 15.38
N ILE A 442 16.78 1.41 15.37
CA ILE A 442 16.72 2.39 16.45
C ILE A 442 16.56 3.77 15.83
N HIS A 443 15.98 4.69 16.61
CA HIS A 443 15.91 6.06 16.14
C HIS A 443 15.96 7.05 17.29
N LYS A 444 16.22 8.29 16.93
CA LYS A 444 16.52 9.31 17.92
C LYS A 444 15.36 9.63 18.82
N ASN A 445 14.14 9.26 18.45
CA ASN A 445 13.02 9.53 19.33
C ASN A 445 12.62 8.32 20.14
N ALA A 446 13.46 7.29 20.17
CA ALA A 446 13.22 6.11 21.00
C ALA A 446 14.52 5.80 21.76
N LYS A 447 14.99 6.80 22.49
CA LYS A 447 16.26 6.80 23.19
C LYS A 447 15.98 6.97 24.67
N LEU A 448 16.68 6.17 25.49
CA LEU A 448 16.56 6.28 26.93
C LEU A 448 17.15 7.60 27.41
N GLY A 449 16.35 8.37 28.14
CA GLY A 449 16.71 9.73 28.47
C GLY A 449 17.08 9.98 29.92
N ALA A 450 18.27 10.52 30.17
CA ALA A 450 18.71 10.88 31.53
C ALA A 450 18.06 12.18 32.02
C1 GLC B . 12.74 17.61 -3.23
C2 GLC B . 13.53 16.34 -3.55
C3 GLC B . 12.74 15.12 -3.07
C4 GLC B . 12.50 15.29 -1.57
C5 GLC B . 11.64 16.53 -1.41
C6 GLC B . 11.32 16.80 0.05
O1 GLC B . 11.55 17.64 -3.95
O2 GLC B . 13.56 16.22 -4.97
O3 GLC B . 13.59 13.99 -3.25
O4 GLC B . 11.67 14.20 -1.20
O5 GLC B . 12.42 17.65 -1.83
O6 GLC B . 12.47 16.81 0.88
H2 GLC B . 14.53 16.38 -3.10
H3 GLC B . 11.79 15.01 -3.60
H4 GLC B . 13.43 15.33 -0.99
H5 GLC B . 10.71 16.43 -1.98
H61 GLC B . 10.59 16.07 0.42
H62 GLC B . 10.80 17.77 0.14
HO1 GLC B . 11.71 17.47 -4.87
HO2 GLC B . 13.38 17.06 -5.37
HO3 GLC B . 14.35 14.23 -3.77
HO6 GLC B . 13.25 16.83 0.33
C1 GLC B . 12.33 13.20 -0.41
C2 GLC B . 12.08 11.81 -0.97
C3 GLC B . 10.56 11.64 -1.01
C4 GLC B . 10.09 11.72 0.44
C5 GLC B . 10.40 13.13 0.94
C6 GLC B . 10.06 13.27 2.39
O2 GLC B . 12.54 11.79 -2.32
O3 GLC B . 10.31 10.34 -1.52
O4 GLC B . 8.67 11.68 0.46
O5 GLC B . 11.82 13.28 0.90
O6 GLC B . 10.19 14.63 2.79
H2 GLC B . 12.58 11.04 -0.38
H3 GLC B . 10.04 12.39 -1.63
H4 GLC B . 10.54 10.91 1.04
H5 GLC B . 9.90 13.90 0.33
H61 GLC B . 10.71 12.62 3.01
H62 GLC B . 9.04 12.91 2.58
HO2 GLC B . 13.20 12.46 -2.44
HO3 GLC B . 11.11 9.98 -1.87
HO6 GLC B . 10.81 15.06 2.22
C1 AC1 B . 8.17 10.37 0.80
O2 AC1 B . 7.63 10.12 -1.54
C2 AC1 B . 7.08 10.04 -0.23
C4A AC1 B . 0.96 13.07 2.73
C3 AC1 B . 5.95 11.07 -0.10
O3 AC1 B . 4.91 10.71 -0.97
C4 AC1 B . 5.41 11.03 1.34
N4A AC1 B . 4.27 11.91 1.55
C5 AC1 B . 6.59 11.33 2.29
O5 AC1 B . 7.60 10.35 2.10
C6 AC1 B . 6.15 11.26 3.74
C1B AC1 B . 2.95 11.27 1.45
C2B AC1 B . 1.96 12.11 0.60
O2B AC1 B . 2.61 12.36 -0.64
C3B AC1 B . 1.66 13.39 1.39
O3B AC1 B . 0.84 14.18 0.56
O4 AC1 B . 0.98 14.29 3.47
C5B AC1 B . 1.54 11.88 3.44
C7B AC1 B . 2.36 11.04 2.81
C6B AC1 B . 0.77 11.31 4.62
O6B AC1 B . 0.23 12.36 5.42
H1 AC1 B . 9.01 9.62 0.82
HO2 AC1 B . 7.78 9.20 -1.82
H2 AC1 B . 6.73 9.00 -0.02
HC4 AC1 B . -0.14 12.83 2.58
H3 AC1 B . 6.38 12.06 -0.38
HO3 AC1 B . 5.18 10.98 -1.87
H4 AC1 B . 5.08 9.97 1.60
H5 AC1 B . 7.05 12.33 2.07
H61 AC1 B . 5.34 10.51 3.85
H62 AC1 B . 5.78 12.26 4.06
H63 AC1 B . 7.01 10.97 4.37
HCB1 AC1 B . 3.01 10.24 0.97
HCB2 AC1 B . 1.01 11.57 0.40
HO2B AC1 B . 1.93 12.32 -1.32
HCB3 AC1 B . 2.62 13.95 1.60
HOB3 AC1 B . 1.31 15.01 0.40
HO4 AC1 B . 0.09 14.65 3.47
HC61 AC1 B . 1.46 10.69 5.26
HC62 AC1 B . -0.07 10.67 4.25
HO6B AC1 B . -0.22 11.94 6.17
H7A1 AC1 B . 2.67 10.09 3.29
HN41 AC1 B . 4.33 12.68 0.92
C1 ASO C . -25.96 15.58 -25.01
C2 ASO C . -25.44 14.18 -25.36
C3 ASO C . -25.35 13.34 -24.10
C4 ASO C . -26.32 13.87 -23.05
C5 ASO C . -27.60 14.30 -23.78
C6 ASO C . -28.66 14.72 -22.78
O2 ASO C . -26.44 13.57 -26.19
O3 ASO C . -24.04 13.55 -23.57
O4 ASO C . -26.72 12.76 -22.23
O5 ASO C . -27.32 15.50 -24.51
O6 ASO C . -28.12 15.53 -21.75
H2 ASO C . -24.46 14.26 -25.87
H3 ASO C . -25.56 12.29 -24.32
H4 ASO C . -25.88 14.69 -22.47
H5 ASO C . -27.95 13.49 -24.45
H61 ASO C . -29.16 13.83 -22.36
H62 ASO C . -29.47 15.25 -23.31
HO2 ASO C . -27.15 14.18 -26.35
HO3 ASO C . -23.49 14.00 -24.22
HO6 ASO C . -27.37 16.02 -22.10
C1 AC1 C . -25.93 12.65 -21.04
O2 AC1 C . -24.85 10.73 -21.95
C2 AC1 C . -25.49 11.21 -20.79
C4A AC1 C . -30.54 9.11 -15.78
C3 AC1 C . -26.69 10.37 -20.42
O3 AC1 C . -26.25 9.04 -20.21
C4 AC1 C . -27.31 10.89 -19.10
N4A AC1 C . -28.42 10.06 -18.67
C5 AC1 C . -27.69 12.37 -19.36
O5 AC1 C . -26.57 13.11 -19.87
C6 AC1 C . -28.09 13.12 -18.10
C1B AC1 C . -28.14 9.13 -17.58
C2B AC1 C . -29.09 7.93 -17.45
O2B AC1 C . -29.02 7.20 -18.66
C3B AC1 C . -30.50 8.43 -17.17
O3B AC1 C . -31.38 7.31 -17.17
O4 AC1 C . -31.81 9.71 -15.58
C5B AC1 C . -29.37 10.03 -15.56
C7B AC1 C . -28.25 9.89 -16.27
C6B AC1 C . -29.30 10.58 -14.15
O6B AC1 C . -27.96 10.92 -13.84
H1 AC1 C . -25.06 13.34 -21.23
HO2 AC1 C . -23.91 10.72 -21.75
H2 AC1 C . -24.74 11.21 -19.94
HC4 AC1 C . -30.53 8.32 -14.98
H3 AC1 C . -27.41 10.44 -21.28
HO3 AC1 C . -25.29 9.08 -20.23
H4 AC1 C . -26.55 10.93 -18.27
H5 AC1 C . -28.52 12.38 -20.14
H61 AC1 C . -27.99 14.22 -18.26
H62 AC1 C . -27.44 12.82 -17.25
H63 AC1 C . -29.16 12.88 -17.85
HCB1 AC1 C . -27.10 8.70 -17.71
HCB2 AC1 C . -28.76 7.25 -16.61
HO2B AC1 C . -28.85 6.28 -18.41
HCB3 AC1 C . -30.83 9.14 -17.99
HOB3 AC1 C . -31.10 6.73 -16.44
HO4 AC1 C . -32.30 9.17 -14.96
HC61 AC1 C . -29.66 9.82 -13.42
HC62 AC1 C . -29.93 11.51 -14.07
HO6B AC1 C . -27.94 11.21 -12.92
H7A1 AC1 C . -27.32 10.35 -15.93
HN41 AC1 C . -29.20 10.65 -18.41
C1 GLC D . 7.40 -22.30 15.45
C2 GLC D . 8.44 -21.92 14.40
C3 GLC D . 8.08 -20.56 13.79
C4 GLC D . 6.66 -20.62 13.26
C5 GLC D . 5.75 -20.89 14.44
C6 GLC D . 4.30 -20.99 14.02
O1 GLC D . 7.52 -21.49 16.58
O2 GLC D . 9.65 -21.70 15.11
O3 GLC D . 8.93 -20.40 12.66
O4 GLC D . 6.36 -19.29 12.83
O5 GLC D . 6.07 -22.21 14.91
O6 GLC D . 4.06 -22.11 13.18
H2 GLC D . 8.50 -22.69 13.63
H3 GLC D . 8.18 -19.76 14.54
H4 GLC D . 6.52 -21.36 12.45
H5 GLC D . 5.88 -20.12 15.23
H61 GLC D . 3.99 -20.07 13.52
H62 GLC D . 3.65 -21.04 14.91
HO1 GLC D . 8.41 -21.51 16.89
HO2 GLC D . 9.71 -22.29 15.85
HO3 GLC D . 9.59 -21.08 12.65
HO6 GLC D . 4.89 -22.50 12.93
C1 GLC D . 5.95 -19.24 11.47
C2 GLC D . 6.80 -18.26 10.65
C3 GLC D . 6.64 -16.89 11.29
C4 GLC D . 5.17 -16.50 11.29
C5 GLC D . 4.39 -17.54 12.08
C6 GLC D . 2.90 -17.29 11.95
O2 GLC D . 8.15 -18.61 10.88
O3 GLC D . 7.30 -15.90 10.51
O4 GLC D . 5.24 -15.40 12.21
O5 GLC D . 4.58 -18.82 11.44
O6 GLC D . 2.15 -18.40 12.41
H2 GLC D . 6.52 -18.29 9.59
H3 GLC D . 7.06 -16.94 12.30
H4 GLC D . 4.72 -16.35 10.30
H5 GLC D . 4.71 -17.58 13.13
H61 GLC D . 2.64 -17.06 10.90
H62 GLC D . 2.62 -16.39 12.50
HO2 GLC D . 8.20 -19.30 11.53
HO3 GLC D . 7.75 -16.31 9.79
HO6 GLC D . 2.53 -18.70 13.23
C1 AC1 D . 4.51 -14.24 11.90
O2 AC1 D . 6.74 -13.11 11.92
C2 AC1 D . 5.38 -12.90 12.09
C4A AC1 D . 2.03 -10.77 18.43
C3 AC1 D . 5.08 -12.54 13.56
O3 AC1 D . 5.78 -11.34 13.86
C4 AC1 D . 3.54 -12.45 13.75
N4A AC1 D . 3.31 -12.28 15.17
C5 AC1 D . 2.74 -13.66 13.22
O5 AC1 D . 3.16 -13.95 11.92
C6 AC1 D . 1.22 -13.50 13.15
C1B AC1 D . 2.39 -11.20 15.52
C2B AC1 D . 3.10 -10.04 16.23
O2B AC1 D . 4.33 -9.87 15.52
C3B AC1 D . 3.33 -10.36 17.70
O3B AC1 D . 3.78 -9.13 18.29
O4 AC1 D . 2.32 -11.09 19.77
C5B AC1 D . 1.33 -11.87 17.69
C7B AC1 D . 1.32 -11.84 16.36
C6B AC1 D . 0.21 -12.54 18.41
O6B AC1 D . -0.41 -11.56 19.22
H1 AC1 D . 4.21 -14.80 10.97
HO2 AC1 D . 7.18 -12.68 12.67
H2 AC1 D . 5.08 -12.15 11.31
HC4 AC1 D . 1.34 -9.88 18.52
H3 AC1 D . 5.49 -13.34 14.23
HO3 AC1 D . 5.95 -11.32 14.82
H4 AC1 D . 3.13 -11.64 13.05
H5 AC1 D . 2.94 -14.54 13.89
H61 AC1 D . 0.94 -12.42 13.31
H62 AC1 D . 0.73 -14.11 13.94
H63 AC1 D . 0.84 -13.82 12.15
HCB1 AC1 D . 1.86 -10.69 14.66
HCB2 AC1 D . 2.49 -9.09 16.20
HO2B AC1 D . 4.13 -10.02 14.57
HCB3 AC1 D . 4.10 -11.18 17.79
HOB3 AC1 D . 3.99 -8.54 17.56
HO4 AC1 D . 3.06 -10.54 20.04
HC61 AC1 D . -0.55 -12.96 17.68
HC62 AC1 D . 0.60 -13.38 19.05
HO6B AC1 D . -0.30 -11.87 20.13
H7A1 AC1 D . 0.51 -12.31 15.79
HN41 AC1 D . 2.99 -13.14 15.59
C1 GLC E . 0.38 -7.58 -17.30
C2 GLC E . 0.03 -6.11 -17.62
C3 GLC E . -0.93 -5.58 -16.57
C4 GLC E . -2.23 -6.41 -16.46
C5 GLC E . -1.91 -7.93 -16.36
C6 GLC E . -3.18 -8.73 -16.82
O1 GLC E . 1.07 -7.79 -16.09
O2 GLC E . 1.21 -5.35 -17.57
O3 GLC E . -1.38 -4.29 -16.91
O4 GLC E . -2.95 -5.94 -15.29
O5 GLC E . -0.86 -8.30 -17.28
O6 GLC E . -3.33 -9.94 -16.09
H1 GLC E . 1.08 -7.94 -18.08
H2 GLC E . -0.43 -6.05 -18.63
H3 GLC E . -0.35 -5.62 -15.62
H4 GLC E . -2.86 -6.28 -17.36
H5 GLC E . -1.62 -8.16 -15.30
H61 GLC E . -4.11 -8.11 -16.76
H62 GLC E . -3.17 -8.92 -17.92
HO1 GLC E . 1.88 -8.28 -16.24
HO2 GLC E . 1.81 -5.65 -18.25
HO3 GLC E . -1.14 -3.68 -16.23
HO6 GLC E . -3.46 -10.68 -16.68
C1 AC1 E . -4.35 -5.71 -15.49
O2 AC1 E . -3.81 -3.41 -16.08
C2 AC1 E . -4.69 -4.21 -15.32
C4A AC1 E . -9.05 -5.18 -10.64
C3 AC1 E . -4.66 -3.80 -13.82
O3 AC1 E . -5.26 -2.54 -13.78
C4 AC1 E . -5.49 -4.75 -12.93
N4A AC1 E . -5.48 -4.34 -11.48
C5 AC1 E . -4.92 -6.17 -13.16
O5 AC1 E . -5.07 -6.50 -14.56
C6 AC1 E . -5.72 -7.24 -12.39
C1B AC1 E . -6.59 -3.39 -10.95
C2B AC1 E . -7.15 -3.84 -9.59
O2B AC1 E . -6.09 -3.82 -8.67
C3B AC1 E . -7.73 -5.29 -9.80
O3B AC1 E . -8.05 -5.94 -8.60
O4 AC1 E . -9.46 -6.41 -11.24
C5B AC1 E . -8.92 -4.15 -11.83
C7B AC1 E . -7.90 -3.22 -11.75
C6B AC1 E . -10.17 -3.91 -12.60
O6B AC1 E . -11.13 -3.15 -11.87
H1 AC1 E . -4.64 -5.99 -16.53
HO2 AC1 E . -3.49 -3.93 -16.81
H2 AC1 E . -5.73 -4.04 -15.69
HC4 AC1 E . -9.79 -4.84 -9.89
H3 AC1 E . -3.60 -3.83 -13.45
HO3 AC1 E . -4.58 -1.87 -13.83
H4 AC1 E . -6.57 -4.71 -13.22
H5 AC1 E . -3.87 -6.18 -12.80
H61 AC1 E . -5.48 -7.24 -11.31
H62 AC1 E . -5.51 -8.26 -12.78
H63 AC1 E . -6.82 -7.08 -12.50
HCB1 AC1 E . -5.98 -2.45 -10.97
HCB2 AC1 E . -7.97 -3.19 -9.21
HO2B AC1 E . -6.40 -3.35 -7.90
HCB3 AC1 E . -6.93 -5.87 -10.30
HOB3 AC1 E . -7.70 -6.83 -8.65
HC61 AC1 E . -10.62 -4.87 -12.95
HC62 AC1 E . -9.95 -3.43 -13.59
HO6B AC1 E . -10.80 -2.37 -11.43
H7A1 AC1 E . -8.16 -2.31 -12.33
HN41 AC1 E . -4.56 -3.95 -11.25
C1 GLC E . -10.12 -7.40 -10.45
C2 GLC E . -9.57 -8.88 -10.65
C3 GLC E . -10.25 -9.70 -11.82
C4 GLC E . -11.77 -9.43 -11.93
C5 GLC E . -12.00 -7.88 -11.95
C6 GLC E . -13.48 -7.53 -12.19
O2 GLC E . -8.15 -8.97 -10.83
O3 GLC E . -10.01 -11.08 -11.54
O4 GLC E . -12.38 -10.03 -13.10
O5 GLC E . -11.56 -7.33 -10.69
O6 GLC E . -14.32 -8.06 -11.20
H1 GLC E . -9.90 -7.15 -9.38
H2 GLC E . -9.86 -9.35 -9.69
H3 GLC E . -9.81 -9.37 -12.79
H4 GLC E . -12.26 -9.91 -11.05
H5 GLC E . -11.42 -7.47 -12.80
H61 GLC E . -13.61 -6.43 -12.29
H62 GLC E . -13.80 -7.84 -13.21
HO2 GLC E . -7.77 -9.58 -10.23
HO3 GLC E . -9.14 -11.31 -11.84
HO6 GLC E . -14.58 -7.37 -10.59
C1 GLC E . -13.48 -10.93 -12.83
C2 GLC E . -13.11 -12.44 -12.76
C3 GLC E . -13.88 -13.37 -13.73
C4 GLC E . -14.14 -12.77 -15.11
C5 GLC E . -14.27 -11.21 -15.15
C6 GLC E . -15.50 -10.74 -15.97
O2 GLC E . -11.72 -12.66 -12.95
O3 GLC E . -15.12 -13.72 -13.14
O4 GLC E . -13.11 -13.18 -16.03
O5 GLC E . -14.50 -10.67 -13.83
O6 GLC E . -15.77 -9.38 -15.68
H1 GLC E . -13.84 -10.72 -11.80
H2 GLC E . -13.43 -12.71 -11.73
H3 GLC E . -13.21 -14.25 -13.90
H4 GLC E . -15.14 -13.16 -15.43
H5 GLC E . -13.32 -10.86 -15.61
H61 GLC E . -16.39 -11.39 -15.80
H62 GLC E . -15.37 -10.90 -17.07
HO2 GLC E . -11.47 -13.53 -12.70
HO3 GLC E . -15.26 -14.65 -13.22
HO4 GLC E . -13.48 -13.67 -16.74
HO6 GLC E . -16.44 -9.03 -16.26
CL CL F . -2.09 -1.06 -6.31
CL CL G . -24.62 8.06 -1.57
CA CA H . -10.34 2.65 -20.82
C1 EDO I . -11.31 -6.67 19.36
O1 EDO I . -11.61 -5.28 19.45
C2 EDO I . -10.06 -6.96 20.16
O2 EDO I . -9.98 -5.98 21.18
H11 EDO I . -11.17 -6.96 18.31
H12 EDO I . -12.15 -7.26 19.76
HO1 EDO I . -12.51 -5.12 19.13
H21 EDO I . -9.18 -6.89 19.52
H22 EDO I . -10.10 -7.96 20.58
HO2 EDO I . -9.46 -6.32 21.91
#